data_4HSQ
#
_entry.id   4HSQ
#
_cell.length_a   35.992
_cell.length_b   81.335
_cell.length_c   92.371
_cell.angle_alpha   90.00
_cell.angle_beta   90.00
_cell.angle_gamma   90.00
#
_symmetry.space_group_name_H-M   'P 21 21 21'
#
loop_
_entity.id
_entity.type
_entity.pdbx_description
1 polymer 'Putative fimbrial subunit'
2 non-polymer 'CALCIUM ION'
3 water water
#
_entity_poly.entity_id   1
_entity_poly.type   'polypeptide(L)'
_entity_poly.pdbx_seq_one_letter_code
;NTETKTEKTVKDADQNIQDAYTYTIKADAPTWGKDKKLTAFRFEDELDKRLDFQKVTEVKAGDTVLGTSDYTVNDPATDG
NKLVVTLTDEGLKKVKSGDK(MSE)SLTFEVKRKEVGNTTELKNRADVIFNNPNTDKEVKNKTNEVVTYHGKLKVVKKDG
KEAGKVLKGAEFELYQCTSAAVLGKGPLTVDGVKKWTTGDDGTFTIDGLHVTDFEDGKEAAPATKKFCLKETKAPAGYAL
PDPNVTEIEFTRAKISEKDKFEGDDEVTLVSEIKNIKQGT
;
_entity_poly.pdbx_strand_id   A
#
# COMPACT_ATOMS: atom_id res chain seq x y z
N LYS A 5 24.31 -8.34 -2.07
CA LYS A 5 23.60 -8.41 -0.80
C LYS A 5 22.12 -8.81 -1.04
N THR A 6 21.44 -9.25 0.04
CA THR A 6 20.04 -9.72 0.03
C THR A 6 19.17 -8.51 0.31
N GLU A 7 18.38 -8.06 -0.68
CA GLU A 7 17.65 -6.82 -0.55
C GLU A 7 16.20 -6.96 -0.95
N LYS A 8 15.35 -6.24 -0.23
CA LYS A 8 13.92 -6.11 -0.54
C LYS A 8 13.63 -4.64 -0.83
N THR A 9 12.78 -4.39 -1.84
CA THR A 9 12.32 -3.06 -2.19
C THR A 9 10.81 -3.12 -2.35
N VAL A 10 10.17 -1.96 -2.26
CA VAL A 10 8.72 -1.86 -2.42
C VAL A 10 8.44 -0.70 -3.35
N LYS A 11 7.55 -0.93 -4.30
CA LYS A 11 7.08 0.12 -5.19
C LYS A 11 5.60 0.27 -4.90
N ASP A 12 5.26 1.31 -4.14
CA ASP A 12 3.88 1.52 -3.68
C ASP A 12 3.39 2.98 -3.84
N ALA A 13 4.23 3.91 -4.36
CA ALA A 13 3.80 5.33 -4.46
C ALA A 13 2.43 5.48 -5.12
N ASP A 14 1.58 6.23 -4.44
CA ASP A 14 0.20 6.60 -4.79
C ASP A 14 -0.77 5.42 -4.83
N GLN A 15 -0.36 4.24 -4.38
CA GLN A 15 -1.27 3.10 -4.42
C GLN A 15 -2.02 3.06 -3.11
N ASN A 16 -3.35 3.20 -3.18
CA ASN A 16 -4.16 3.23 -1.98
C ASN A 16 -4.64 1.80 -1.60
N ILE A 17 -5.55 1.69 -0.63
CA ILE A 17 -6.04 0.36 -0.26
C ILE A 17 -6.71 -0.28 -1.50
N GLN A 18 -6.41 -1.57 -1.75
CA GLN A 18 -6.93 -2.41 -2.84
C GLN A 18 -6.32 -2.04 -4.22
N ASP A 19 -5.34 -1.14 -4.24
CA ASP A 19 -4.55 -0.83 -5.43
C ASP A 19 -3.36 -1.77 -5.44
N ALA A 20 -3.11 -2.41 -6.58
CA ALA A 20 -1.98 -3.34 -6.67
C ALA A 20 -0.65 -2.62 -6.52
N TYR A 21 0.29 -3.23 -5.77
CA TYR A 21 1.64 -2.68 -5.70
C TYR A 21 2.61 -3.84 -5.64
N THR A 22 3.90 -3.56 -5.75
CA THR A 22 4.85 -4.65 -5.85
C THR A 22 5.96 -4.58 -4.85
N TYR A 23 6.49 -5.78 -4.55
CA TYR A 23 7.71 -6.00 -3.81
C TYR A 23 8.72 -6.60 -4.74
N THR A 24 9.99 -6.29 -4.52
CA THR A 24 11.06 -6.93 -5.28
C THR A 24 12.09 -7.47 -4.30
N ILE A 25 12.53 -8.71 -4.50
CA ILE A 25 13.55 -9.37 -3.66
C ILE A 25 14.72 -9.68 -4.56
N LYS A 26 15.89 -9.17 -4.19
CA LYS A 26 17.13 -9.37 -4.94
C LYS A 26 18.15 -10.04 -4.05
N ALA A 27 18.85 -11.02 -4.60
CA ALA A 27 19.85 -11.78 -3.86
C ALA A 27 20.83 -12.41 -4.81
N ASP A 28 22.07 -12.58 -4.36
CA ASP A 28 23.04 -13.25 -5.19
C ASP A 28 22.91 -14.75 -5.02
N ALA A 29 22.97 -15.48 -6.14
CA ALA A 29 23.02 -16.92 -6.09
C ALA A 29 24.45 -17.29 -5.64
N PRO A 30 24.69 -18.47 -5.04
CA PRO A 30 26.08 -18.83 -4.73
C PRO A 30 26.88 -19.09 -6.02
N THR A 31 28.18 -19.40 -5.89
CA THR A 31 29.03 -19.74 -7.03
C THR A 31 29.37 -21.23 -6.99
N TRP A 32 29.63 -21.83 -8.17
CA TRP A 32 29.98 -23.25 -8.28
C TRP A 32 30.69 -23.53 -9.59
N GLY A 33 31.52 -24.59 -9.56
CA GLY A 33 32.31 -25.03 -10.69
C GLY A 33 31.48 -25.77 -11.71
N LYS A 34 32.08 -26.10 -12.85
CA LYS A 34 31.42 -26.82 -13.95
C LYS A 34 30.99 -28.25 -13.56
N ASP A 35 31.58 -28.80 -12.48
CA ASP A 35 31.36 -30.15 -11.98
C ASP A 35 30.17 -30.24 -11.01
N LYS A 36 29.52 -29.09 -10.74
CA LYS A 36 28.37 -29.00 -9.82
C LYS A 36 27.19 -28.29 -10.44
N LYS A 37 26.08 -28.27 -9.71
CA LYS A 37 24.89 -27.54 -10.11
C LYS A 37 24.19 -27.06 -8.84
N LEU A 38 23.38 -26.02 -8.97
CA LEU A 38 22.57 -25.49 -7.88
C LEU A 38 21.44 -26.48 -7.72
N THR A 39 21.30 -27.08 -6.54
CA THR A 39 20.31 -28.15 -6.33
C THR A 39 19.02 -27.64 -5.67
N ALA A 40 19.06 -26.45 -5.03
CA ALA A 40 17.87 -25.85 -4.42
C ALA A 40 18.03 -24.36 -4.27
N PHE A 41 16.96 -23.62 -4.57
CA PHE A 41 16.91 -22.17 -4.39
C PHE A 41 15.47 -21.77 -4.26
N ARG A 42 15.13 -21.01 -3.22
CA ARG A 42 13.76 -20.51 -3.06
C ARG A 42 13.73 -19.16 -2.35
N PHE A 43 12.64 -18.42 -2.56
CA PHE A 43 12.35 -17.17 -1.86
C PHE A 43 11.22 -17.46 -0.95
N GLU A 44 11.26 -16.91 0.27
CA GLU A 44 10.16 -17.04 1.22
C GLU A 44 9.81 -15.68 1.72
N ASP A 45 8.52 -15.38 1.88
CA ASP A 45 8.10 -14.08 2.37
C ASP A 45 6.79 -14.20 3.12
N GLU A 46 6.85 -13.91 4.44
CA GLU A 46 5.71 -13.92 5.35
C GLU A 46 4.97 -12.64 5.16
N LEU A 47 3.91 -12.70 4.39
CA LEU A 47 3.19 -11.48 4.10
C LEU A 47 2.31 -11.08 5.23
N ASP A 48 2.31 -9.78 5.53
CA ASP A 48 1.42 -9.21 6.55
C ASP A 48 -0.01 -9.67 6.20
N LYS A 49 -0.77 -10.03 7.25
CA LYS A 49 -2.13 -10.56 7.11
C LYS A 49 -3.10 -9.60 6.39
N ARG A 50 -2.78 -8.31 6.32
CA ARG A 50 -3.61 -7.32 5.61
C ARG A 50 -3.35 -7.37 4.10
N LEU A 51 -2.36 -8.17 3.65
CA LEU A 51 -2.10 -8.24 2.21
C LEU A 51 -2.76 -9.43 1.59
N ASP A 52 -3.24 -9.25 0.34
CA ASP A 52 -3.73 -10.31 -0.52
C ASP A 52 -2.73 -10.45 -1.62
N PHE A 53 -2.01 -11.58 -1.65
CA PHE A 53 -1.07 -11.86 -2.73
C PHE A 53 -1.85 -11.94 -4.05
N GLN A 54 -1.34 -11.32 -5.12
CA GLN A 54 -1.98 -11.34 -6.44
C GLN A 54 -1.29 -12.36 -7.35
N LYS A 55 0.00 -12.11 -7.66
CA LYS A 55 0.76 -12.95 -8.60
C LYS A 55 2.21 -12.60 -8.58
N VAL A 56 3.04 -13.52 -9.10
CA VAL A 56 4.44 -13.26 -9.35
C VAL A 56 4.44 -12.54 -10.69
N THR A 57 5.20 -11.46 -10.84
CA THR A 57 5.26 -10.72 -12.12
C THR A 57 6.57 -11.06 -12.83
N GLU A 58 7.63 -11.34 -12.06
CA GLU A 58 8.91 -11.70 -12.70
C GLU A 58 9.82 -12.45 -11.78
N VAL A 59 10.49 -13.48 -12.33
CA VAL A 59 11.56 -14.23 -11.70
C VAL A 59 12.73 -14.16 -12.70
N LYS A 60 13.88 -13.63 -12.27
CA LYS A 60 15.06 -13.50 -13.13
C LYS A 60 16.30 -14.12 -12.51
N ALA A 61 17.13 -14.75 -13.34
CA ALA A 61 18.46 -15.27 -12.95
C ALA A 61 19.42 -14.51 -13.86
N GLY A 62 20.03 -13.45 -13.33
CA GLY A 62 20.87 -12.54 -14.11
C GLY A 62 19.97 -11.79 -15.06
N ASP A 63 20.20 -11.96 -16.37
CA ASP A 63 19.35 -11.33 -17.38
C ASP A 63 18.32 -12.31 -17.91
N THR A 64 18.38 -13.60 -17.48
CA THR A 64 17.42 -14.60 -17.94
C THR A 64 16.08 -14.44 -17.21
N VAL A 65 15.00 -14.19 -17.96
CA VAL A 65 13.67 -14.10 -17.40
C VAL A 65 13.12 -15.52 -17.34
N LEU A 66 12.81 -16.01 -16.12
CA LEU A 66 12.31 -17.37 -15.98
C LEU A 66 10.84 -17.48 -16.36
N GLY A 67 10.44 -18.67 -16.78
CA GLY A 67 9.04 -18.95 -17.11
C GLY A 67 8.36 -19.66 -15.96
N THR A 68 7.04 -19.86 -16.03
CA THR A 68 6.30 -20.52 -14.95
C THR A 68 6.68 -22.00 -14.76
N SER A 69 7.37 -22.65 -15.72
CA SER A 69 7.84 -24.02 -15.50
C SER A 69 9.13 -24.02 -14.68
N ASP A 70 9.76 -22.84 -14.53
CA ASP A 70 11.05 -22.69 -13.85
C ASP A 70 10.92 -22.49 -12.34
N TYR A 71 9.69 -22.30 -11.85
CA TYR A 71 9.48 -22.12 -10.42
C TYR A 71 8.08 -22.57 -10.01
N THR A 72 7.88 -22.83 -8.73
CA THR A 72 6.51 -23.11 -8.27
C THR A 72 6.16 -21.97 -7.35
N VAL A 73 4.86 -21.69 -7.22
CA VAL A 73 4.32 -20.69 -6.30
C VAL A 73 3.36 -21.44 -5.42
N ASN A 74 3.42 -21.22 -4.11
CA ASN A 74 2.43 -21.86 -3.24
C ASN A 74 1.14 -20.97 -3.26
N ASP A 75 0.21 -21.21 -2.34
CA ASP A 75 -0.99 -20.38 -2.19
C ASP A 75 -0.88 -19.71 -0.80
N PRO A 76 -0.43 -18.43 -0.70
CA PRO A 76 -0.27 -17.82 0.63
C PRO A 76 -1.53 -17.89 1.50
N ALA A 77 -2.73 -17.74 0.92
CA ALA A 77 -3.99 -17.83 1.68
C ALA A 77 -4.09 -19.13 2.52
N THR A 78 -3.51 -20.27 2.07
CA THR A 78 -3.57 -21.55 2.80
C THR A 78 -2.23 -21.87 3.50
N ASP A 79 -1.29 -20.94 3.49
CA ASP A 79 0.00 -21.16 4.15
C ASP A 79 0.29 -20.02 5.13
N GLY A 80 -0.74 -19.54 5.82
CA GLY A 80 -0.67 -18.46 6.79
C GLY A 80 -0.15 -17.16 6.18
N ASN A 81 -0.49 -16.91 4.90
CA ASN A 81 -0.06 -15.75 4.12
C ASN A 81 1.45 -15.76 3.85
N LYS A 82 2.08 -16.91 3.99
CA LYS A 82 3.49 -17.01 3.63
C LYS A 82 3.58 -17.35 2.14
N LEU A 83 4.33 -16.54 1.38
CA LEU A 83 4.60 -16.78 -0.05
C LEU A 83 5.90 -17.58 -0.18
N VAL A 84 5.89 -18.64 -1.00
CA VAL A 84 7.10 -19.42 -1.25
C VAL A 84 7.23 -19.57 -2.76
N VAL A 85 8.34 -19.10 -3.33
CA VAL A 85 8.64 -19.21 -4.77
C VAL A 85 9.85 -20.11 -4.86
N THR A 86 9.68 -21.33 -5.37
CA THR A 86 10.74 -22.35 -5.40
C THR A 86 11.18 -22.64 -6.80
N LEU A 87 12.49 -22.59 -7.07
CA LEU A 87 12.94 -22.94 -8.41
C LEU A 87 12.78 -24.42 -8.60
N THR A 88 12.31 -24.80 -9.80
CA THR A 88 12.14 -26.21 -10.16
C THR A 88 13.48 -26.73 -10.67
N ASP A 89 13.57 -28.03 -11.03
CA ASP A 89 14.82 -28.53 -11.62
C ASP A 89 15.11 -27.84 -12.97
N GLU A 90 14.08 -27.51 -13.79
CA GLU A 90 14.30 -26.78 -15.05
C GLU A 90 14.79 -25.35 -14.78
N GLY A 91 14.21 -24.69 -13.78
CA GLY A 91 14.61 -23.34 -13.36
C GLY A 91 16.03 -23.28 -12.83
N LEU A 92 16.41 -24.27 -12.02
CA LEU A 92 17.77 -24.35 -11.46
C LEU A 92 18.83 -24.52 -12.58
N LYS A 93 18.47 -25.20 -13.69
CA LYS A 93 19.36 -25.38 -14.85
C LYS A 93 19.68 -24.04 -15.53
N LYS A 94 18.75 -23.06 -15.45
CA LYS A 94 18.94 -21.76 -16.09
C LYS A 94 19.77 -20.82 -15.23
N VAL A 95 20.07 -21.21 -13.98
CA VAL A 95 20.82 -20.33 -13.07
C VAL A 95 22.31 -20.51 -13.30
N LYS A 96 23.02 -19.39 -13.54
CA LYS A 96 24.47 -19.41 -13.76
C LYS A 96 25.16 -19.02 -12.46
N SER A 97 26.35 -19.58 -12.21
CA SER A 97 27.14 -19.33 -11.00
C SER A 97 27.23 -17.84 -10.65
N GLY A 98 26.86 -17.51 -9.42
CA GLY A 98 26.86 -16.13 -8.91
C GLY A 98 25.83 -15.17 -9.49
N ASP A 99 24.84 -15.68 -10.24
CA ASP A 99 23.79 -14.85 -10.85
C ASP A 99 23.03 -13.98 -9.83
N LYS A 100 22.66 -12.78 -10.23
CA LYS A 100 21.82 -11.94 -9.41
C LYS A 100 20.38 -12.43 -9.62
N SER A 102 16.31 -12.38 -8.91
CA SER A 102 15.34 -11.34 -8.66
C SER A 102 13.94 -11.89 -8.69
N LEU A 103 13.11 -11.44 -7.75
CA LEU A 103 11.72 -11.84 -7.71
C LEU A 103 10.87 -10.61 -7.53
N THR A 104 9.91 -10.39 -8.42
CA THR A 104 8.95 -9.29 -8.26
C THR A 104 7.57 -9.90 -8.19
N PHE A 105 6.79 -9.47 -7.19
CA PHE A 105 5.43 -9.99 -7.07
C PHE A 105 4.51 -8.87 -6.65
N GLU A 106 3.23 -9.08 -6.90
CA GLU A 106 2.21 -8.09 -6.68
C GLU A 106 1.29 -8.47 -5.55
N VAL A 107 0.89 -7.44 -4.76
CA VAL A 107 -0.03 -7.55 -3.63
C VAL A 107 -1.04 -6.43 -3.66
N LYS A 108 -2.08 -6.54 -2.84
CA LYS A 108 -3.05 -5.48 -2.55
C LYS A 108 -3.21 -5.43 -1.07
N ARG A 109 -3.20 -4.22 -0.49
CA ARG A 109 -3.45 -4.07 0.94
C ARG A 109 -4.96 -3.96 1.11
N LYS A 110 -5.58 -4.88 1.88
CA LYS A 110 -7.04 -4.95 2.00
C LYS A 110 -7.62 -3.87 2.87
N GLU A 111 -6.83 -3.40 3.84
CA GLU A 111 -7.28 -2.41 4.80
C GLU A 111 -6.13 -1.78 5.52
N VAL A 112 -6.39 -0.66 6.18
CA VAL A 112 -5.38 -0.03 7.02
C VAL A 112 -5.08 -0.95 8.22
N GLY A 113 -6.13 -1.43 8.87
CA GLY A 113 -5.90 -2.26 10.05
C GLY A 113 -5.51 -1.45 11.28
N ASN A 114 -4.76 -2.06 12.19
CA ASN A 114 -4.48 -1.43 13.50
C ASN A 114 -3.20 -0.60 13.58
N THR A 115 -2.41 -0.53 12.48
CA THR A 115 -1.25 0.36 12.42
C THR A 115 -1.23 0.95 11.02
N THR A 116 -0.70 2.16 10.89
CA THR A 116 -0.53 2.71 9.54
C THR A 116 0.57 1.92 8.85
N GLU A 117 1.63 1.51 9.60
CA GLU A 117 2.74 0.78 8.99
C GLU A 117 2.38 -0.64 8.62
N LEU A 118 2.93 -1.11 7.51
CA LEU A 118 2.81 -2.50 7.08
C LEU A 118 4.21 -2.86 6.62
N LYS A 119 4.86 -3.76 7.36
CA LYS A 119 6.23 -4.14 7.09
C LYS A 119 6.34 -5.38 6.24
N ASN A 120 7.46 -5.49 5.52
CA ASN A 120 7.72 -6.68 4.75
C ASN A 120 9.20 -7.01 4.80
N ARG A 121 9.49 -8.29 4.91
CA ARG A 121 10.85 -8.84 4.89
C ARG A 121 10.80 -10.20 4.19
N ALA A 122 11.91 -10.62 3.60
CA ALA A 122 11.94 -11.92 2.97
C ALA A 122 13.26 -12.65 3.28
N ASP A 123 13.30 -13.91 2.91
CA ASP A 123 14.44 -14.80 3.02
C ASP A 123 14.69 -15.46 1.67
N VAL A 124 15.95 -15.74 1.36
CA VAL A 124 16.33 -16.56 0.23
C VAL A 124 17.04 -17.75 0.88
N ILE A 125 16.60 -18.94 0.54
CA ILE A 125 17.12 -20.19 1.13
C ILE A 125 17.60 -21.06 -0.01
N PHE A 126 18.88 -21.49 0.07
CA PHE A 126 19.42 -22.32 -0.99
C PHE A 126 20.44 -23.31 -0.46
N ASN A 127 20.78 -24.31 -1.28
CA ASN A 127 21.83 -25.26 -0.95
C ASN A 127 23.11 -24.74 -1.58
N ASN A 128 24.17 -24.58 -0.78
CA ASN A 128 25.48 -24.15 -1.30
C ASN A 128 26.08 -25.37 -2.02
N PRO A 129 26.28 -25.33 -3.35
CA PRO A 129 26.79 -26.53 -4.04
C PRO A 129 28.19 -26.97 -3.65
N ASN A 130 28.98 -26.08 -3.05
CA ASN A 130 30.35 -26.37 -2.68
C ASN A 130 30.42 -27.20 -1.39
N THR A 131 29.43 -27.03 -0.48
CA THR A 131 29.41 -27.70 0.83
C THR A 131 28.14 -28.56 1.08
N ASP A 132 27.09 -28.38 0.26
CA ASP A 132 25.76 -29.03 0.35
C ASP A 132 25.01 -28.58 1.62
N LYS A 133 25.46 -27.48 2.24
CA LYS A 133 24.85 -26.88 3.43
C LYS A 133 23.73 -25.93 3.00
N GLU A 134 22.64 -25.86 3.79
CA GLU A 134 21.55 -24.93 3.52
C GLU A 134 21.94 -23.56 4.05
N VAL A 135 21.79 -22.51 3.22
CA VAL A 135 22.12 -21.12 3.56
C VAL A 135 20.81 -20.32 3.56
N LYS A 136 20.62 -19.47 4.58
CA LYS A 136 19.44 -18.62 4.68
C LYS A 136 19.88 -17.15 4.85
N ASN A 137 19.58 -16.33 3.84
CA ASN A 137 19.91 -14.91 3.85
C ASN A 137 18.63 -14.10 3.92
N LYS A 138 18.54 -13.21 4.89
CA LYS A 138 17.35 -12.38 5.10
C LYS A 138 17.58 -11.02 4.47
N THR A 139 16.49 -10.41 3.98
CA THR A 139 16.60 -9.08 3.43
C THR A 139 16.46 -8.07 4.55
N ASN A 140 16.60 -6.79 4.19
CA ASN A 140 16.21 -5.64 5.00
C ASN A 140 14.71 -5.65 5.06
N GLU A 141 14.15 -4.87 5.98
CA GLU A 141 12.72 -4.72 6.10
C GLU A 141 12.30 -3.41 5.43
N VAL A 142 11.16 -3.44 4.72
CA VAL A 142 10.63 -2.25 4.06
C VAL A 142 9.28 -1.97 4.67
N VAL A 143 8.83 -0.74 4.59
CA VAL A 143 7.57 -0.39 5.22
C VAL A 143 6.73 0.41 4.25
N THR A 144 5.42 0.19 4.31
CA THR A 144 4.39 0.89 3.53
C THR A 144 3.37 1.42 4.50
N TYR A 145 2.99 2.69 4.37
CA TYR A 145 2.03 3.30 5.30
C TYR A 145 0.75 3.74 4.63
N HIS A 146 -0.36 3.41 5.26
CA HIS A 146 -1.70 3.82 4.82
C HIS A 146 -2.47 4.27 6.01
N GLY A 147 -3.40 5.19 5.81
CA GLY A 147 -4.22 5.65 6.93
C GLY A 147 -5.66 5.80 6.50
N LYS A 148 -6.54 5.90 7.48
CA LYS A 148 -7.96 6.13 7.19
C LYS A 148 -8.27 7.61 7.15
N LEU A 149 -9.20 8.00 6.28
CA LEU A 149 -9.62 9.37 6.18
C LEU A 149 -11.10 9.43 6.55
N LYS A 150 -11.40 10.01 7.71
CA LYS A 150 -12.78 10.16 8.18
C LYS A 150 -13.22 11.59 7.94
N VAL A 151 -14.37 11.76 7.30
CA VAL A 151 -14.93 13.07 7.05
C VAL A 151 -16.16 13.27 7.92
N VAL A 152 -16.26 14.40 8.62
CA VAL A 152 -17.44 14.65 9.44
C VAL A 152 -18.07 15.95 8.92
N LYS A 153 -19.33 15.86 8.46
CA LYS A 153 -20.03 17.00 7.91
C LYS A 153 -20.83 17.69 8.97
N LYS A 154 -20.59 18.98 9.15
CA LYS A 154 -21.28 19.73 10.20
C LYS A 154 -21.91 20.99 9.67
N ASP A 155 -22.82 21.55 10.45
CA ASP A 155 -23.46 22.83 10.13
C ASP A 155 -22.52 23.91 10.66
N GLY A 156 -22.17 24.87 9.82
CA GLY A 156 -21.27 25.98 10.15
C GLY A 156 -21.69 26.80 11.34
N LYS A 157 -23.01 26.98 11.54
CA LYS A 157 -23.54 27.74 12.66
C LYS A 157 -23.77 26.79 13.83
N GLU A 158 -24.87 26.01 13.77
CA GLU A 158 -25.30 25.06 14.77
C GLU A 158 -24.21 24.02 15.08
N ALA A 159 -23.49 24.26 16.20
CA ALA A 159 -22.44 23.38 16.72
C ALA A 159 -23.08 22.07 17.18
N GLY A 160 -22.42 20.96 16.88
CA GLY A 160 -22.93 19.64 17.23
C GLY A 160 -23.93 19.06 16.24
N LYS A 161 -24.37 19.88 15.25
CA LYS A 161 -25.33 19.38 14.25
C LYS A 161 -24.54 18.73 13.11
N VAL A 162 -24.57 17.38 13.05
CA VAL A 162 -23.88 16.60 12.03
C VAL A 162 -24.86 16.38 10.88
N LEU A 163 -24.35 16.33 9.64
CA LEU A 163 -25.21 16.28 8.46
C LEU A 163 -25.03 15.07 7.59
N LYS A 164 -26.12 14.35 7.37
CA LYS A 164 -26.20 13.19 6.48
C LYS A 164 -26.45 13.70 5.07
N GLY A 165 -26.00 12.91 4.08
CA GLY A 165 -26.29 13.19 2.69
C GLY A 165 -25.31 14.05 1.91
N ALA A 166 -24.20 14.48 2.53
CA ALA A 166 -23.23 15.28 1.77
C ALA A 166 -22.42 14.31 0.93
N GLU A 167 -22.16 14.65 -0.34
CA GLU A 167 -21.41 13.78 -1.23
C GLU A 167 -20.07 14.37 -1.60
N PHE A 168 -19.05 13.50 -1.61
CA PHE A 168 -17.69 13.90 -1.87
C PHE A 168 -16.96 13.00 -2.85
N GLU A 169 -16.03 13.61 -3.59
CA GLU A 169 -15.05 12.91 -4.41
C GLU A 169 -13.67 13.15 -3.79
N LEU A 170 -12.68 12.33 -4.20
CA LEU A 170 -11.31 12.46 -3.73
C LEU A 170 -10.38 12.63 -4.88
N TYR A 171 -9.41 13.52 -4.70
CA TYR A 171 -8.41 13.80 -5.71
C TYR A 171 -7.04 13.87 -5.11
N GLN A 172 -6.02 13.65 -5.95
CA GLN A 172 -4.65 14.00 -5.63
C GLN A 172 -4.59 15.49 -5.94
N CYS A 173 -3.83 16.29 -5.20
CA CYS A 173 -3.75 17.72 -5.54
C CYS A 173 -2.45 18.30 -5.07
N THR A 174 -2.04 19.44 -5.61
CA THR A 174 -0.87 20.12 -5.04
C THR A 174 -1.42 21.12 -4.02
N SER A 175 -2.66 21.60 -4.22
CA SER A 175 -3.37 22.51 -3.32
C SER A 175 -4.87 22.41 -3.58
N ALA A 176 -5.70 22.97 -2.69
CA ALA A 176 -7.15 22.99 -2.88
C ALA A 176 -7.56 23.81 -4.12
N ALA A 177 -6.66 24.67 -4.64
CA ALA A 177 -6.96 25.51 -5.83
C ALA A 177 -6.54 24.84 -7.15
N VAL A 178 -5.71 23.75 -7.08
CA VAL A 178 -5.17 23.07 -8.26
C VAL A 178 -5.30 21.55 -8.06
N LEU A 179 -6.41 20.99 -8.54
CA LEU A 179 -6.67 19.56 -8.45
C LEU A 179 -5.82 18.80 -9.44
N GLY A 180 -5.39 17.62 -9.00
CA GLY A 180 -4.59 16.68 -9.78
C GLY A 180 -5.46 15.53 -10.20
N LYS A 181 -4.92 14.33 -10.14
CA LYS A 181 -5.60 13.10 -10.58
C LYS A 181 -6.86 12.79 -9.77
N GLY A 182 -7.92 12.45 -10.47
CA GLY A 182 -9.20 12.10 -9.84
C GLY A 182 -10.41 12.34 -10.72
N PRO A 183 -11.63 12.01 -10.25
CA PRO A 183 -11.95 11.43 -8.93
C PRO A 183 -11.35 10.03 -8.78
N LEU A 184 -10.65 9.82 -7.67
CA LEU A 184 -9.97 8.56 -7.38
C LEU A 184 -10.93 7.47 -6.95
N THR A 185 -10.65 6.24 -7.40
CA THR A 185 -11.38 5.07 -6.96
C THR A 185 -10.54 4.42 -5.87
N VAL A 186 -11.15 4.23 -4.71
CA VAL A 186 -10.52 3.60 -3.57
C VAL A 186 -11.44 2.46 -3.14
N ASP A 187 -10.94 1.23 -3.29
CA ASP A 187 -11.64 -0.03 -2.96
C ASP A 187 -13.04 -0.06 -3.63
N GLY A 188 -13.06 0.10 -4.96
CA GLY A 188 -14.26 0.09 -5.79
C GLY A 188 -15.22 1.27 -5.68
N VAL A 189 -14.88 2.28 -4.87
CA VAL A 189 -15.75 3.45 -4.61
C VAL A 189 -15.07 4.74 -5.08
N LYS A 190 -15.82 5.65 -5.78
CA LYS A 190 -15.24 6.92 -6.23
C LYS A 190 -16.10 8.12 -5.80
N LYS A 191 -17.06 7.85 -4.93
CA LYS A 191 -17.91 8.88 -4.33
C LYS A 191 -18.38 8.36 -3.01
N TRP A 192 -18.31 9.20 -1.96
CA TRP A 192 -18.71 8.84 -0.59
C TRP A 192 -19.79 9.78 -0.09
N THR A 193 -20.70 9.26 0.76
CA THR A 193 -21.82 10.04 1.30
C THR A 193 -21.77 10.01 2.82
N THR A 194 -22.02 11.16 3.49
CA THR A 194 -22.04 11.14 4.94
C THR A 194 -23.33 10.40 5.41
N GLY A 195 -23.17 9.53 6.40
CA GLY A 195 -24.26 8.74 6.96
C GLY A 195 -25.04 9.47 8.04
N ASP A 196 -25.79 8.73 8.88
CA ASP A 196 -26.66 9.32 9.92
C ASP A 196 -25.86 10.11 10.97
N ASP A 197 -24.60 9.72 11.25
CA ASP A 197 -23.74 10.43 12.18
C ASP A 197 -22.94 11.56 11.48
N GLY A 198 -23.29 11.89 10.24
CA GLY A 198 -22.63 12.94 9.47
C GLY A 198 -21.23 12.57 8.99
N THR A 199 -20.91 11.27 9.00
CA THR A 199 -19.55 10.85 8.61
C THR A 199 -19.50 9.75 7.56
N PHE A 200 -18.32 9.56 6.99
CA PHE A 200 -17.93 8.41 6.18
C PHE A 200 -16.45 8.26 6.44
N THR A 201 -15.92 7.06 6.23
CA THR A 201 -14.48 6.83 6.38
C THR A 201 -13.97 6.14 5.12
N ILE A 202 -12.90 6.67 4.55
CA ILE A 202 -12.22 6.05 3.43
C ILE A 202 -11.10 5.21 4.04
N ASP A 203 -11.24 3.90 3.98
CA ASP A 203 -10.23 2.94 4.41
C ASP A 203 -9.61 2.33 3.13
N GLY A 204 -8.53 2.92 2.61
CA GLY A 204 -7.70 3.96 3.21
C GLY A 204 -6.76 4.47 2.15
N LEU A 205 -5.92 5.43 2.51
CA LEU A 205 -5.07 6.09 1.54
C LEU A 205 -3.62 5.97 1.87
N HIS A 206 -2.77 6.00 0.83
CA HIS A 206 -1.32 5.99 0.99
C HIS A 206 -0.90 7.31 1.61
N VAL A 207 -0.05 7.26 2.63
CA VAL A 207 0.47 8.51 3.23
C VAL A 207 1.31 9.26 2.20
N THR A 208 1.36 10.59 2.33
CA THR A 208 2.10 11.40 1.35
C THR A 208 3.59 11.58 1.66
N ASP A 209 4.03 11.36 2.90
CA ASP A 209 5.41 11.70 3.31
C ASP A 209 6.40 10.53 3.28
N PHE A 210 5.94 9.34 2.86
CA PHE A 210 6.79 8.16 2.85
C PHE A 210 6.26 7.26 1.77
N GLU A 211 7.13 6.87 0.85
CA GLU A 211 6.70 6.03 -0.27
C GLU A 211 7.86 5.28 -0.86
N ASP A 212 7.55 4.09 -1.43
CA ASP A 212 8.59 3.22 -2.03
C ASP A 212 9.71 2.87 -1.02
N GLY A 213 9.34 2.71 0.24
CA GLY A 213 10.23 2.29 1.30
C GLY A 213 11.13 3.36 1.90
N LYS A 214 10.94 4.62 1.55
CA LYS A 214 11.79 5.67 2.12
C LYS A 214 11.03 6.98 2.28
N GLU A 215 11.58 7.92 3.07
CA GLU A 215 10.98 9.26 3.23
C GLU A 215 10.81 9.90 1.87
N ALA A 216 9.68 10.57 1.61
CA ALA A 216 9.52 11.20 0.31
C ALA A 216 10.38 12.47 0.28
N ALA A 217 10.88 12.84 -0.89
CA ALA A 217 11.64 14.09 -0.99
C ALA A 217 10.67 15.26 -0.74
N PRO A 218 11.08 16.40 -0.12
CA PRO A 218 10.12 17.50 0.10
C PRO A 218 9.38 17.85 -1.20
N ALA A 219 8.05 17.76 -1.17
CA ALA A 219 7.14 17.98 -2.29
C ALA A 219 5.76 18.41 -1.77
N THR A 220 4.93 19.03 -2.63
CA THR A 220 3.61 19.52 -2.22
C THR A 220 2.49 18.50 -2.60
N LYS A 221 2.71 17.22 -2.31
CA LYS A 221 1.76 16.12 -2.56
C LYS A 221 0.68 16.09 -1.45
N LYS A 222 -0.61 16.23 -1.83
CA LYS A 222 -1.73 16.20 -0.88
C LYS A 222 -2.90 15.45 -1.47
N PHE A 223 -3.94 15.25 -0.66
CA PHE A 223 -5.24 14.76 -1.12
C PHE A 223 -6.18 15.94 -1.00
N CYS A 224 -7.24 15.94 -1.79
CA CYS A 224 -8.25 16.99 -1.77
C CYS A 224 -9.62 16.33 -1.77
N LEU A 225 -10.52 16.80 -0.94
CA LEU A 225 -11.93 16.36 -0.93
C LEU A 225 -12.74 17.41 -1.64
N LYS A 226 -13.53 17.01 -2.63
CA LYS A 226 -14.39 17.90 -3.38
C LYS A 226 -15.81 17.60 -2.99
N GLU A 227 -16.51 18.54 -2.37
CA GLU A 227 -17.91 18.32 -2.01
C GLU A 227 -18.74 18.56 -3.25
N THR A 228 -19.37 17.52 -3.77
CA THR A 228 -20.12 17.62 -5.04
C THR A 228 -21.61 17.86 -4.79
N LYS A 229 -22.10 17.48 -3.60
CA LYS A 229 -23.51 17.69 -3.23
C LYS A 229 -23.61 17.99 -1.77
N ALA A 230 -24.30 19.08 -1.43
CA ALA A 230 -24.45 19.44 -0.01
C ALA A 230 -25.64 18.71 0.59
N PRO A 231 -25.72 18.54 1.94
CA PRO A 231 -26.94 17.96 2.54
C PRO A 231 -28.18 18.77 2.15
N ALA A 232 -29.35 18.14 2.09
CA ALA A 232 -30.58 18.85 1.74
C ALA A 232 -30.80 20.03 2.71
N GLY A 233 -31.08 21.21 2.15
CA GLY A 233 -31.29 22.42 2.93
C GLY A 233 -30.03 23.21 3.17
N TYR A 234 -28.90 22.72 2.63
CA TYR A 234 -27.63 23.41 2.76
C TYR A 234 -27.12 23.82 1.41
N ALA A 235 -26.45 24.98 1.37
CA ALA A 235 -25.84 25.49 0.15
C ALA A 235 -24.51 24.76 -0.05
N LEU A 236 -24.08 24.58 -1.29
CA LEU A 236 -22.78 23.95 -1.55
C LEU A 236 -21.69 24.96 -1.14
N PRO A 237 -20.76 24.65 -0.21
CA PRO A 237 -19.75 25.65 0.17
C PRO A 237 -18.92 26.15 -1.00
N ASP A 238 -18.38 27.35 -0.85
CA ASP A 238 -17.47 27.96 -1.81
C ASP A 238 -16.31 28.54 -0.99
N PRO A 239 -15.14 27.88 -0.97
CA PRO A 239 -14.73 26.73 -1.80
C PRO A 239 -15.34 25.40 -1.38
N ASN A 240 -15.51 24.49 -2.33
CA ASN A 240 -16.03 23.15 -2.08
C ASN A 240 -14.89 22.12 -2.12
N VAL A 241 -13.62 22.59 -2.11
CA VAL A 241 -12.44 21.72 -2.12
C VAL A 241 -11.67 21.95 -0.81
N THR A 242 -11.42 20.86 -0.09
CA THR A 242 -10.68 20.85 1.17
C THR A 242 -9.41 20.06 0.96
N GLU A 243 -8.25 20.65 1.25
CA GLU A 243 -7.01 19.89 1.09
C GLU A 243 -6.68 19.19 2.39
N ILE A 244 -6.07 18.03 2.29
CA ILE A 244 -5.70 17.21 3.44
C ILE A 244 -4.19 16.96 3.44
N GLU A 245 -3.52 17.25 4.56
CA GLU A 245 -2.09 16.95 4.76
C GLU A 245 -2.04 15.54 5.35
N PHE A 246 -2.00 14.54 4.48
CA PHE A 246 -2.13 13.15 4.89
C PHE A 246 -0.78 12.46 5.15
N THR A 247 -0.10 12.94 6.18
CA THR A 247 1.22 12.44 6.59
C THR A 247 1.09 11.52 7.80
N ARG A 248 2.07 10.64 7.99
CA ARG A 248 2.14 9.77 9.16
C ARG A 248 1.93 10.54 10.47
N ALA A 249 2.64 11.67 10.65
CA ALA A 249 2.57 12.49 11.87
C ALA A 249 1.19 13.09 12.07
N LYS A 250 0.55 13.60 10.99
CA LYS A 250 -0.81 14.17 11.10
C LYS A 250 -1.86 13.09 11.44
N ILE A 251 -1.73 11.93 10.84
CA ILE A 251 -2.67 10.81 11.06
C ILE A 251 -2.55 10.30 12.50
N SER A 252 -1.30 10.20 12.98
CA SER A 252 -0.95 9.70 14.32
C SER A 252 -1.58 10.52 15.46
N GLU A 253 -1.81 11.83 15.23
CA GLU A 253 -2.46 12.66 16.27
C GLU A 253 -3.77 12.04 16.72
N LYS A 254 -4.14 12.18 17.99
CA LYS A 254 -5.36 11.55 18.41
C LYS A 254 -6.13 12.36 19.44
N ASP A 255 -7.42 12.00 19.58
CA ASP A 255 -8.38 12.57 20.54
C ASP A 255 -8.63 14.08 20.33
N LYS A 256 -8.54 14.54 19.08
CA LYS A 256 -8.80 15.94 18.71
C LYS A 256 -10.24 16.07 18.18
N PHE A 257 -10.84 14.95 17.76
CA PHE A 257 -12.20 14.81 17.24
C PHE A 257 -12.75 13.45 17.61
N GLU A 258 -14.07 13.26 17.61
CA GLU A 258 -14.60 11.91 17.84
C GLU A 258 -14.10 10.97 16.73
N GLY A 259 -13.63 9.78 17.09
CA GLY A 259 -13.10 8.81 16.14
C GLY A 259 -11.68 9.08 15.70
N ASP A 260 -11.01 10.06 16.33
CA ASP A 260 -9.65 10.43 15.99
C ASP A 260 -8.65 9.50 16.67
N ASP A 261 -8.36 8.38 16.05
CA ASP A 261 -7.37 7.48 16.62
C ASP A 261 -6.05 7.67 15.86
N GLU A 262 -5.04 6.87 16.19
CA GLU A 262 -3.72 7.04 15.60
C GLU A 262 -3.61 6.52 14.14
N VAL A 263 -4.68 5.89 13.56
CA VAL A 263 -4.60 5.38 12.17
C VAL A 263 -5.59 6.16 11.26
N THR A 264 -6.28 7.15 11.83
CA THR A 264 -7.31 7.94 11.14
C THR A 264 -7.06 9.42 11.26
N LEU A 265 -7.21 10.10 10.14
CA LEU A 265 -7.20 11.54 10.10
C LEU A 265 -8.65 11.93 9.98
N VAL A 266 -9.11 12.86 10.83
CA VAL A 266 -10.49 13.32 10.82
C VAL A 266 -10.53 14.73 10.24
N SER A 267 -11.33 14.91 9.22
CA SER A 267 -11.53 16.20 8.53
C SER A 267 -12.95 16.70 8.79
N GLU A 268 -13.13 17.84 9.49
CA GLU A 268 -14.47 18.44 9.74
C GLU A 268 -14.74 19.46 8.69
N ILE A 269 -15.85 19.30 7.95
CA ILE A 269 -16.17 20.18 6.83
C ILE A 269 -17.52 20.83 7.14
N LYS A 270 -17.56 22.17 7.03
CA LYS A 270 -18.76 22.92 7.41
C LYS A 270 -19.65 23.25 6.20
N ASN A 271 -20.94 23.36 6.45
CA ASN A 271 -21.99 23.71 5.47
C ASN A 271 -22.89 24.74 6.07
N ILE A 272 -23.27 25.77 5.29
CA ILE A 272 -24.17 26.84 5.73
C ILE A 272 -25.58 26.53 5.21
N LYS A 273 -26.62 26.64 6.07
CA LYS A 273 -28.04 26.42 5.69
C LYS A 273 -28.44 27.25 4.45
N GLN A 274 -29.13 26.64 3.47
CA GLN A 274 -29.58 27.31 2.24
C GLN A 274 -30.43 28.53 2.61
N GLY A 275 -30.14 29.67 1.98
CA GLY A 275 -30.79 30.94 2.26
C GLY A 275 -30.20 31.64 3.46
N THR A 276 -28.98 31.19 3.89
CA THR A 276 -28.09 31.59 5.00
C THR A 276 -28.77 31.54 6.41
#